data_7R8Y
#
_entry.id   7R8Y
#
_cell.length_a   113.316
_cell.length_b   113.316
_cell.length_c   112.233
_cell.angle_alpha   90.000
_cell.angle_beta   90.000
_cell.angle_gamma   90.000
#
_symmetry.space_group_name_H-M   'P 42 21 2'
#
loop_
_entity.id
_entity.type
_entity.pdbx_description
1 polymer 'Phosphomethylpyrimidine Kinase'
2 non-polymer 4-AMINO-5-HYDROXYMETHYL-2-METHYLPYRIMIDINE
#
_entity_poly.entity_id   1
_entity_poly.type   'polypeptide(L)'
_entity_poly.pdbx_seq_one_letter_code
;MGSSHHHHHHSSGENLYFQGHMMPVALTIAGSDSGGGAGIQADLKTFSALGVYGMSVITAVTAQNTLGVQGVHDIPPELV
AAQIDAVFEDLRVDAVKTGMLSNAEIVEAVAEALRRYGVRPLVVDPVMVAKSGDPLLAPDAVEALKERLFPLATIITPNL
PEAEVLLGRPIRTEEEMEEAARRLLALGPKAVLLKGGHLEGEEAVDLLADGEGIHRFSAPRVQTRNTHGTGCTLSAAIAA
HLARGHDLPEAVREAKAYLTGAIKAAPSIGHGHGPVNHFHAWWKRAE
;
_entity_poly.pdbx_strand_id   A,B
#
# COMPACT_ATOMS: atom_id res chain seq x y z
N HIS A 21 23.09 2.91 -4.18
CA HIS A 21 22.44 3.96 -4.96
C HIS A 21 21.11 4.35 -4.33
N MET A 22 21.12 5.43 -3.55
CA MET A 22 19.90 5.90 -2.84
C MET A 22 19.34 7.17 -3.49
N MET A 23 18.14 7.06 -4.08
CA MET A 23 17.43 8.21 -4.70
C MET A 23 16.47 8.83 -3.69
N PRO A 24 15.72 9.88 -4.03
CA PRO A 24 14.80 10.53 -3.09
C PRO A 24 13.80 9.55 -2.48
N VAL A 25 13.51 9.72 -1.19
CA VAL A 25 12.60 8.86 -0.45
C VAL A 25 11.44 9.70 0.05
N ALA A 26 10.22 9.22 -0.15
CA ALA A 26 9.02 9.89 0.35
C ALA A 26 8.20 8.89 1.15
N LEU A 27 7.39 9.42 2.06
CA LEU A 27 6.55 8.60 2.94
C LEU A 27 5.13 9.13 2.90
N THR A 28 4.19 8.25 2.59
CA THR A 28 2.77 8.54 2.74
C THR A 28 2.28 7.93 4.04
N ILE A 29 1.47 8.67 4.78
CA ILE A 29 0.84 8.18 6.05
C ILE A 29 -0.65 8.39 5.87
N ALA A 30 -1.31 7.49 5.15
CA ALA A 30 -2.70 7.62 4.77
C ALA A 30 -3.37 6.28 4.98
N GLY A 31 -4.61 6.16 4.47
CA GLY A 31 -5.34 4.92 4.56
C GLY A 31 -5.20 4.10 3.28
N SER A 32 -5.78 2.91 3.33
CA SER A 32 -5.78 2.00 2.19
C SER A 32 -7.13 2.04 1.49
N ASP A 33 -7.08 2.31 0.18
CA ASP A 33 -8.26 2.19 -0.70
C ASP A 33 -7.92 1.04 -1.64
N SER A 34 -8.32 -0.19 -1.26
CA SER A 34 -7.95 -1.38 -2.01
C SER A 34 -8.32 -1.27 -3.49
N GLY A 35 -9.40 -0.54 -3.80
CA GLY A 35 -9.77 -0.29 -5.18
C GLY A 35 -8.79 0.56 -5.95
N GLY A 36 -7.78 1.13 -5.29
CA GLY A 36 -6.75 1.89 -5.96
C GLY A 36 -7.15 3.29 -6.39
N GLY A 37 -8.34 3.75 -6.03
CA GLY A 37 -8.75 5.08 -6.43
C GLY A 37 -8.02 6.18 -5.69
N ALA A 38 -7.83 5.97 -4.38
CA ALA A 38 -7.14 6.98 -3.55
C ALA A 38 -6.31 6.25 -2.50
N GLY A 39 -5.97 6.93 -1.42
CA GLY A 39 -5.20 6.33 -0.37
C GLY A 39 -3.73 6.17 -0.74
N ILE A 40 -3.03 5.39 0.07
CA ILE A 40 -1.59 5.21 -0.12
C ILE A 40 -1.29 4.63 -1.49
N GLN A 41 -2.17 3.79 -2.03
CA GLN A 41 -1.92 3.17 -3.32
C GLN A 41 -1.76 4.21 -4.42
N ALA A 42 -2.64 5.21 -4.44
CA ALA A 42 -2.50 6.29 -5.42
C ALA A 42 -1.29 7.17 -5.11
N ASP A 43 -0.96 7.32 -3.83
CA ASP A 43 0.22 8.09 -3.46
C ASP A 43 1.49 7.41 -3.95
N LEU A 44 1.62 6.10 -3.69
CA LEU A 44 2.78 5.35 -4.14
C LEU A 44 2.97 5.43 -5.64
N LYS A 45 1.87 5.42 -6.40
CA LYS A 45 1.99 5.44 -7.85
C LYS A 45 2.53 6.77 -8.33
N THR A 46 2.04 7.88 -7.79
CA THR A 46 2.59 9.18 -8.13
C THR A 46 4.03 9.32 -7.61
N PHE A 47 4.36 8.66 -6.51
CA PHE A 47 5.73 8.68 -6.03
C PHE A 47 6.68 8.02 -7.03
N SER A 48 6.36 6.80 -7.46
CA SER A 48 7.21 6.12 -8.42
C SER A 48 7.13 6.77 -9.80
N ALA A 49 5.97 7.32 -10.16
CA ALA A 49 5.86 8.01 -11.45
C ALA A 49 6.79 9.21 -11.51
N LEU A 50 6.97 9.89 -10.39
CA LEU A 50 7.82 11.08 -10.32
C LEU A 50 9.26 10.75 -9.96
N GLY A 51 9.61 9.47 -9.94
CA GLY A 51 10.97 9.05 -9.65
C GLY A 51 11.38 9.24 -8.21
N VAL A 52 10.55 8.75 -7.28
CA VAL A 52 10.84 8.84 -5.85
C VAL A 52 10.56 7.48 -5.22
N TYR A 53 11.51 6.99 -4.42
CA TYR A 53 11.32 5.75 -3.70
C TYR A 53 10.25 5.95 -2.63
N GLY A 54 9.24 5.07 -2.62
CA GLY A 54 8.04 5.28 -1.82
C GLY A 54 8.02 4.39 -0.59
N MET A 55 7.75 5.01 0.55
CA MET A 55 7.47 4.32 1.81
C MET A 55 6.01 4.56 2.17
N SER A 56 5.44 3.66 2.96
CA SER A 56 4.02 3.74 3.23
C SER A 56 3.69 3.25 4.64
N VAL A 57 2.84 4.02 5.33
CA VAL A 57 2.31 3.69 6.64
C VAL A 57 0.79 3.74 6.55
N ILE A 58 0.13 2.67 7.00
CA ILE A 58 -1.33 2.56 6.92
C ILE A 58 -1.93 2.96 8.26
N THR A 59 -2.88 3.89 8.23
CA THR A 59 -3.64 4.28 9.40
C THR A 59 -4.96 3.55 9.53
N ALA A 60 -5.53 3.09 8.42
CA ALA A 60 -6.77 2.31 8.43
C ALA A 60 -6.95 1.68 7.06
N VAL A 61 -7.64 0.55 7.04
CA VAL A 61 -7.91 -0.20 5.81
C VAL A 61 -9.37 0.02 5.43
N THR A 62 -9.59 0.62 4.26
CA THR A 62 -10.98 0.92 3.84
C THR A 62 -11.35 0.12 2.59
N ALA A 63 -12.63 -0.19 2.44
CA ALA A 63 -13.11 -0.89 1.24
C ALA A 63 -14.11 0.06 0.58
N GLN A 64 -13.79 0.57 -0.61
CA GLN A 64 -14.71 1.54 -1.25
C GLN A 64 -15.17 1.02 -2.61
N ASN A 65 -16.49 0.98 -2.79
CA ASN A 65 -17.13 0.52 -4.04
C ASN A 65 -17.65 1.75 -4.79
N THR A 66 -18.22 1.55 -5.97
CA THR A 66 -18.81 2.68 -6.71
C THR A 66 -19.92 3.30 -5.87
N LEU A 67 -20.75 2.45 -5.24
CA LEU A 67 -21.89 2.90 -4.40
C LEU A 67 -21.39 3.72 -3.20
N GLY A 68 -20.33 3.27 -2.51
CA GLY A 68 -19.83 4.08 -1.38
C GLY A 68 -18.70 3.41 -0.62
N VAL A 69 -18.67 3.58 0.70
CA VAL A 69 -17.61 2.96 1.55
C VAL A 69 -18.22 1.72 2.20
N GLN A 70 -17.67 0.54 1.90
CA GLN A 70 -18.25 -0.72 2.42
C GLN A 70 -17.78 -0.99 3.84
N GLY A 71 -16.68 -0.34 4.25
CA GLY A 71 -16.21 -0.57 5.60
C GLY A 71 -14.90 0.13 5.87
N VAL A 72 -14.67 0.51 7.12
CA VAL A 72 -13.41 1.08 7.55
C VAL A 72 -12.99 0.37 8.82
N HIS A 73 -11.70 0.09 8.94
CA HIS A 73 -11.14 -0.53 10.15
C HIS A 73 -9.91 0.27 10.57
N ASP A 74 -10.03 1.00 11.67
CA ASP A 74 -8.95 1.85 12.13
C ASP A 74 -7.82 1.00 12.71
N ILE A 75 -6.61 1.29 12.28
CA ILE A 75 -5.40 0.61 12.78
C ILE A 75 -5.04 1.27 14.12
N PRO A 76 -4.61 0.49 15.13
CA PRO A 76 -4.33 1.05 16.45
C PRO A 76 -3.26 2.13 16.42
N PRO A 77 -3.40 3.16 17.29
CA PRO A 77 -2.48 4.33 17.27
C PRO A 77 -1.05 3.96 17.65
N GLU A 78 -1.01 3.02 18.58
CA GLU A 78 0.25 2.40 19.06
C GLU A 78 0.94 1.73 17.87
N LEU A 79 0.16 1.23 16.88
CA LEU A 79 0.80 0.52 15.79
C LEU A 79 1.33 1.51 14.77
N VAL A 80 0.47 2.46 14.37
CA VAL A 80 0.84 3.43 13.33
C VAL A 80 2.19 4.09 13.66
N ALA A 81 2.40 4.41 14.93
CA ALA A 81 3.70 4.95 15.35
C ALA A 81 4.83 3.96 15.10
N ALA A 82 4.58 2.67 15.38
CA ALA A 82 5.60 1.67 15.14
C ALA A 82 5.94 1.56 13.66
N GLN A 83 4.93 1.67 12.79
CA GLN A 83 5.19 1.65 11.35
C GLN A 83 6.09 2.82 10.97
N ILE A 84 5.77 4.01 11.49
CA ILE A 84 6.58 5.20 11.24
C ILE A 84 8.00 4.99 11.74
N ASP A 85 8.13 4.45 12.95
CA ASP A 85 9.46 4.14 13.49
C ASP A 85 10.22 3.18 12.58
N ALA A 86 9.52 2.18 12.04
CA ALA A 86 10.17 1.23 11.15
C ALA A 86 10.69 1.92 9.89
N VAL A 87 9.96 2.93 9.41
CA VAL A 87 10.37 3.61 8.18
C VAL A 87 11.63 4.44 8.41
N PHE A 88 11.68 5.20 9.50
CA PHE A 88 12.82 6.10 9.66
C PHE A 88 14.07 5.38 10.16
N GLU A 89 13.92 4.26 10.86
CA GLU A 89 15.10 3.47 11.20
C GLU A 89 15.73 2.88 9.95
N ASP A 90 14.91 2.39 9.03
CA ASP A 90 15.43 1.79 7.82
C ASP A 90 16.11 2.82 6.93
N LEU A 91 15.45 3.95 6.67
CA LEU A 91 15.95 4.89 5.69
C LEU A 91 15.66 6.32 6.13
N ARG A 92 16.27 7.24 5.39
CA ARG A 92 16.02 8.66 5.58
C ARG A 92 14.93 9.11 4.63
N VAL A 93 13.89 9.73 5.18
CA VAL A 93 12.72 10.16 4.41
C VAL A 93 12.93 11.62 4.03
N ASP A 94 12.86 11.90 2.72
CA ASP A 94 13.12 13.24 2.22
C ASP A 94 11.88 14.13 2.20
N ALA A 95 10.68 13.55 2.33
CA ALA A 95 9.44 14.30 2.44
C ALA A 95 8.34 13.36 2.88
N VAL A 96 7.36 13.89 3.61
CA VAL A 96 6.32 13.10 4.23
C VAL A 96 4.96 13.63 3.82
N LYS A 97 3.99 12.72 3.70
CA LYS A 97 2.61 13.04 3.37
C LYS A 97 1.69 12.37 4.39
N THR A 98 0.74 13.13 4.91
CA THR A 98 -0.35 12.57 5.70
C THR A 98 -1.63 12.68 4.90
N GLY A 99 -2.27 11.54 4.67
CA GLY A 99 -3.55 11.54 3.99
C GLY A 99 -4.68 11.31 4.96
N MET A 100 -5.29 10.13 4.93
CA MET A 100 -6.40 9.84 5.83
C MET A 100 -5.87 9.42 7.18
N LEU A 101 -6.21 10.21 8.19
CA LEU A 101 -6.12 9.79 9.58
C LEU A 101 -7.55 9.73 10.08
N SER A 102 -7.97 8.58 10.59
CA SER A 102 -9.40 8.36 10.79
C SER A 102 -9.89 8.75 12.17
N ASN A 103 -9.12 8.51 13.22
CA ASN A 103 -9.53 8.86 14.57
C ASN A 103 -8.49 9.81 15.17
N ALA A 104 -8.89 10.47 16.26
CA ALA A 104 -8.03 11.49 16.86
C ALA A 104 -6.78 10.88 17.47
N GLU A 105 -6.86 9.66 17.99
CA GLU A 105 -5.69 9.03 18.59
C GLU A 105 -4.61 8.76 17.54
N ILE A 106 -5.02 8.41 16.32
CA ILE A 106 -4.06 8.32 15.21
C ILE A 106 -3.37 9.66 15.02
N VAL A 107 -4.15 10.74 14.94
CA VAL A 107 -3.58 12.05 14.66
C VAL A 107 -2.53 12.42 15.69
N GLU A 108 -2.80 12.15 16.97
CA GLU A 108 -1.81 12.41 18.00
C GLU A 108 -0.59 11.52 17.85
N ALA A 109 -0.81 10.22 17.60
CA ALA A 109 0.31 9.30 17.42
C ALA A 109 1.17 9.71 16.23
N VAL A 110 0.52 10.01 15.10
CA VAL A 110 1.26 10.47 13.92
C VAL A 110 2.00 11.77 14.24
N ALA A 111 1.33 12.69 14.93
CA ALA A 111 1.96 13.97 15.26
C ALA A 111 3.19 13.76 16.13
N GLU A 112 3.05 13.02 17.22
CA GLU A 112 4.20 12.75 18.09
C GLU A 112 5.27 11.96 17.35
N ALA A 113 4.86 11.06 16.46
CA ALA A 113 5.83 10.32 15.68
C ALA A 113 6.64 11.24 14.76
N LEU A 114 5.97 12.16 14.08
CA LEU A 114 6.75 13.07 13.20
C LEU A 114 7.61 13.99 14.09
N ARG A 115 7.06 14.52 15.17
CA ARG A 115 7.83 15.35 16.09
C ARG A 115 9.05 14.60 16.59
N ARG A 116 8.91 13.29 16.81
CA ARG A 116 9.98 12.50 17.39
C ARG A 116 11.21 12.48 16.49
N TYR A 117 11.01 12.58 15.18
CA TYR A 117 12.10 12.57 14.22
C TYR A 117 12.33 13.97 13.68
N GLY A 118 13.34 14.11 12.82
CA GLY A 118 13.81 15.41 12.40
C GLY A 118 12.77 16.21 11.63
N VAL A 119 13.09 17.48 11.44
CA VAL A 119 12.21 18.41 10.74
C VAL A 119 12.26 18.08 9.25
N ARG A 120 11.17 17.57 8.70
CA ARG A 120 11.09 17.28 7.28
C ARG A 120 10.08 18.17 6.58
N PRO A 121 10.11 18.23 5.25
CA PRO A 121 8.93 18.68 4.50
C PRO A 121 7.76 17.75 4.79
N LEU A 122 6.71 18.30 5.39
CA LEU A 122 5.51 17.54 5.72
C LEU A 122 4.32 18.15 5.01
N VAL A 123 3.73 17.40 4.08
CA VAL A 123 2.52 17.80 3.38
C VAL A 123 1.34 17.15 4.10
N VAL A 124 0.43 17.96 4.62
CA VAL A 124 -0.72 17.47 5.35
C VAL A 124 -1.96 17.76 4.51
N ASP A 125 -2.45 16.73 3.83
CA ASP A 125 -3.72 16.84 3.13
C ASP A 125 -4.85 16.51 4.11
N PRO A 126 -5.72 17.47 4.45
CA PRO A 126 -6.78 17.22 5.46
C PRO A 126 -8.01 16.53 4.86
N VAL A 127 -7.82 15.29 4.42
CA VAL A 127 -8.94 14.54 3.84
C VAL A 127 -9.94 14.24 4.94
N MET A 128 -11.22 14.52 4.66
CA MET A 128 -12.29 14.34 5.60
C MET A 128 -13.43 13.50 5.05
N VAL A 129 -13.53 13.39 3.74
CA VAL A 129 -14.68 12.82 3.04
C VAL A 129 -14.18 12.08 1.81
N ALA A 130 -14.69 10.85 1.62
CA ALA A 130 -14.35 10.01 0.45
C ALA A 130 -15.16 10.45 -0.79
N LYS A 131 -14.75 10.00 -1.96
CA LYS A 131 -15.37 10.35 -3.24
C LYS A 131 -16.88 10.16 -3.20
N SER A 132 -17.35 9.14 -2.48
CA SER A 132 -18.79 8.88 -2.38
C SER A 132 -19.49 9.86 -1.44
N GLY A 133 -18.75 10.56 -0.60
CA GLY A 133 -19.33 11.48 0.36
C GLY A 133 -19.35 10.98 1.79
N ASP A 134 -18.91 9.74 2.03
CA ASP A 134 -18.96 9.23 3.38
C ASP A 134 -17.73 9.68 4.15
N PRO A 135 -17.84 9.81 5.48
CA PRO A 135 -16.75 10.42 6.25
C PRO A 135 -15.49 9.55 6.28
N LEU A 136 -14.34 10.23 6.27
CA LEU A 136 -13.01 9.58 6.35
C LEU A 136 -12.26 10.17 7.53
N LEU A 137 -12.91 11.04 8.30
CA LEU A 137 -12.27 11.65 9.46
C LEU A 137 -13.35 11.93 10.49
N ALA A 138 -13.21 11.32 11.67
CA ALA A 138 -14.17 11.57 12.75
C ALA A 138 -14.19 13.06 13.07
N PRO A 139 -15.35 13.67 13.23
CA PRO A 139 -15.40 15.11 13.51
C PRO A 139 -14.61 15.50 14.75
N ASP A 140 -14.58 14.65 15.77
CA ASP A 140 -13.81 14.95 16.97
C ASP A 140 -12.31 15.00 16.71
N ALA A 141 -11.86 14.43 15.59
CA ALA A 141 -10.44 14.33 15.29
C ALA A 141 -9.90 15.55 14.53
N VAL A 142 -10.77 16.30 13.86
CA VAL A 142 -10.28 17.38 13.00
C VAL A 142 -9.61 18.46 13.81
N GLU A 143 -10.01 18.65 15.07
CA GLU A 143 -9.43 19.74 15.85
C GLU A 143 -8.09 19.32 16.43
N ALA A 144 -7.94 18.03 16.75
CA ALA A 144 -6.63 17.48 17.05
C ALA A 144 -5.73 17.56 15.83
N LEU A 145 -6.29 17.37 14.63
CA LEU A 145 -5.55 17.62 13.40
C LEU A 145 -5.01 19.05 13.36
N LYS A 146 -5.81 20.00 13.81
CA LYS A 146 -5.40 21.40 13.78
C LYS A 146 -4.34 21.69 14.85
N GLU A 147 -4.51 21.14 16.05
CA GLU A 147 -3.58 21.43 17.14
C GLU A 147 -2.28 20.64 17.03
N ARG A 148 -2.32 19.42 16.50
CA ARG A 148 -1.17 18.53 16.55
C ARG A 148 -0.37 18.52 15.25
N LEU A 149 -1.02 18.36 14.10
CA LEU A 149 -0.27 18.22 12.84
C LEU A 149 -0.07 19.54 12.10
N PHE A 150 -1.08 20.40 12.02
CA PHE A 150 -0.93 21.65 11.27
C PHE A 150 0.29 22.47 11.66
N PRO A 151 0.65 22.62 12.94
CA PRO A 151 1.90 23.34 13.25
C PRO A 151 3.15 22.65 12.70
N LEU A 152 3.06 21.38 12.32
CA LEU A 152 4.21 20.65 11.80
C LEU A 152 4.29 20.68 10.29
N ALA A 153 3.20 21.00 9.61
CA ALA A 153 3.18 20.95 8.15
C ALA A 153 3.97 22.10 7.56
N THR A 154 4.70 21.82 6.48
CA THR A 154 5.25 22.85 5.63
C THR A 154 4.25 23.31 4.57
N ILE A 155 3.19 22.54 4.36
CA ILE A 155 2.09 22.93 3.48
C ILE A 155 0.89 22.06 3.81
N ILE A 156 -0.29 22.68 3.84
CA ILE A 156 -1.55 21.96 3.99
C ILE A 156 -2.37 22.24 2.73
N THR A 157 -3.02 21.20 2.19
CA THR A 157 -3.80 21.35 0.97
C THR A 157 -5.28 21.08 1.21
N PRO A 158 -6.05 22.05 1.77
CA PRO A 158 -7.51 21.91 1.90
C PRO A 158 -8.27 22.47 0.71
N ASN A 159 -9.29 21.74 0.26
CA ASN A 159 -10.24 22.40 -0.60
C ASN A 159 -11.26 23.22 0.19
N LEU A 160 -12.12 23.91 -0.55
CA LEU A 160 -13.12 24.79 0.04
C LEU A 160 -14.02 24.10 1.06
N PRO A 161 -14.59 22.92 0.80
CA PRO A 161 -15.34 22.25 1.89
C PRO A 161 -14.50 21.96 3.12
N GLU A 162 -13.28 21.44 2.95
CA GLU A 162 -12.44 21.11 4.09
C GLU A 162 -12.09 22.35 4.91
N ALA A 163 -11.84 23.48 4.25
CA ALA A 163 -11.59 24.72 4.97
C ALA A 163 -12.82 25.17 5.74
N GLU A 164 -13.98 25.13 5.11
CA GLU A 164 -15.23 25.49 5.78
C GLU A 164 -15.46 24.64 7.02
N VAL A 165 -14.91 23.43 7.05
CA VAL A 165 -15.00 22.60 8.25
C VAL A 165 -13.94 23.00 9.25
N LEU A 166 -12.72 23.29 8.79
CA LEU A 166 -11.64 23.69 9.68
C LEU A 166 -11.92 25.00 10.37
N LEU A 167 -12.66 25.91 9.72
CA LEU A 167 -12.84 27.26 10.24
C LEU A 167 -14.25 27.58 10.68
N GLY A 168 -15.25 26.81 10.25
CA GLY A 168 -16.63 27.08 10.58
C GLY A 168 -17.29 28.14 9.73
N ARG A 169 -16.52 29.04 9.12
CA ARG A 169 -17.10 30.01 8.20
C ARG A 169 -17.22 29.42 6.80
N PRO A 170 -18.26 29.78 6.07
CA PRO A 170 -18.35 29.36 4.66
C PRO A 170 -17.53 30.27 3.76
N ILE A 171 -16.89 29.66 2.76
CA ILE A 171 -16.09 30.39 1.78
C ILE A 171 -16.88 30.40 0.48
N ARG A 172 -17.38 31.57 0.09
CA ARG A 172 -18.26 31.70 -1.05
C ARG A 172 -17.75 32.61 -2.15
N THR A 173 -16.74 33.44 -1.88
CA THR A 173 -16.14 34.32 -2.87
C THR A 173 -14.62 34.20 -2.78
N GLU A 174 -13.93 34.77 -3.76
CA GLU A 174 -12.47 34.76 -3.74
C GLU A 174 -11.93 35.55 -2.55
N GLU A 175 -12.60 36.64 -2.18
CA GLU A 175 -12.17 37.41 -1.01
C GLU A 175 -12.14 36.51 0.23
N GLU A 176 -13.23 35.76 0.44
CA GLU A 176 -13.30 34.84 1.57
C GLU A 176 -12.24 33.76 1.48
N MET A 177 -11.85 33.34 0.28
CA MET A 177 -10.75 32.38 0.17
C MET A 177 -9.46 32.94 0.73
N GLU A 178 -9.16 34.20 0.45
CA GLU A 178 -7.90 34.76 0.92
C GLU A 178 -7.91 34.91 2.44
N GLU A 179 -9.06 35.28 3.01
CA GLU A 179 -9.18 35.31 4.47
C GLU A 179 -9.00 33.91 5.06
N ALA A 180 -9.68 32.92 4.48
CA ALA A 180 -9.52 31.54 4.93
C ALA A 180 -8.05 31.13 4.87
N ALA A 181 -7.37 31.48 3.77
CA ALA A 181 -5.95 31.20 3.66
C ALA A 181 -5.17 31.88 4.79
N ARG A 182 -5.51 33.12 5.11
CA ARG A 182 -4.84 33.80 6.22
C ARG A 182 -5.20 33.16 7.56
N ARG A 183 -6.49 32.88 7.76
CA ARG A 183 -6.93 32.24 8.99
C ARG A 183 -6.26 30.89 9.20
N LEU A 184 -6.14 30.10 8.13
CA LEU A 184 -5.51 28.78 8.25
C LEU A 184 -4.03 28.90 8.59
N LEU A 185 -3.32 29.85 7.96
CA LEU A 185 -1.92 30.09 8.28
C LEU A 185 -1.71 30.29 9.77
N ALA A 186 -2.67 30.94 10.44
CA ALA A 186 -2.55 31.18 11.87
C ALA A 186 -2.47 29.89 12.67
N LEU A 187 -2.90 28.76 12.10
CA LEU A 187 -2.88 27.50 12.83
C LEU A 187 -1.50 26.88 12.93
N GLY A 188 -0.51 27.38 12.19
CA GLY A 188 0.81 26.79 12.23
C GLY A 188 1.49 26.44 10.91
N PRO A 189 0.74 26.01 9.88
CA PRO A 189 1.41 25.58 8.65
C PRO A 189 2.19 26.72 8.00
N LYS A 190 3.40 26.39 7.54
CA LYS A 190 4.23 27.36 6.84
C LYS A 190 3.53 27.88 5.59
N ALA A 191 2.83 27.01 4.87
CA ALA A 191 2.09 27.40 3.69
C ALA A 191 0.73 26.71 3.68
N VAL A 192 -0.22 27.33 2.97
CA VAL A 192 -1.57 26.80 2.79
C VAL A 192 -1.93 26.89 1.32
N LEU A 193 -2.36 25.77 0.74
CA LEU A 193 -2.81 25.71 -0.64
C LEU A 193 -4.33 25.50 -0.63
N LEU A 194 -5.07 26.57 -0.91
CA LEU A 194 -6.53 26.54 -0.87
C LEU A 194 -7.06 26.35 -2.29
N LYS A 195 -7.92 25.34 -2.46
CA LYS A 195 -8.34 24.87 -3.77
C LYS A 195 -9.78 25.29 -4.01
N GLY A 196 -9.99 26.03 -5.11
CA GLY A 196 -11.26 26.69 -5.36
C GLY A 196 -12.32 25.81 -5.96
N GLY A 197 -13.50 26.40 -6.16
CA GLY A 197 -14.64 25.69 -6.71
C GLY A 197 -15.64 26.62 -7.37
N ALA A 204 -12.97 30.01 -9.41
CA ALA A 204 -12.31 28.86 -9.99
C ALA A 204 -10.79 29.04 -9.96
N VAL A 205 -10.27 29.41 -8.78
CA VAL A 205 -8.87 29.77 -8.62
C VAL A 205 -8.32 29.06 -7.38
N ASP A 206 -7.03 28.75 -7.42
CA ASP A 206 -6.33 28.16 -6.28
C ASP A 206 -5.42 29.21 -5.68
N LEU A 207 -5.29 29.19 -4.35
CA LEU A 207 -4.47 30.16 -3.63
C LEU A 207 -3.36 29.44 -2.89
N LEU A 208 -2.12 29.90 -3.08
CA LEU A 208 -0.99 29.47 -2.26
C LEU A 208 -0.65 30.60 -1.31
N ALA A 209 -0.94 30.40 -0.03
CA ALA A 209 -0.78 31.43 0.99
C ALA A 209 0.49 31.17 1.79
N ASP A 210 1.30 32.21 1.97
CA ASP A 210 2.52 32.14 2.75
C ASP A 210 2.55 33.35 3.67
N GLY A 211 3.36 33.25 4.73
CA GLY A 211 3.57 34.40 5.58
C GLY A 211 4.06 35.62 4.81
N GLU A 212 4.73 35.38 3.68
CA GLU A 212 5.22 36.47 2.85
C GLU A 212 4.17 37.00 1.88
N GLY A 213 3.17 36.19 1.53
CA GLY A 213 2.12 36.68 0.65
C GLY A 213 1.29 35.56 0.09
N ILE A 214 0.43 35.91 -0.86
CA ILE A 214 -0.49 35.00 -1.51
C ILE A 214 -0.25 35.02 -3.01
N HIS A 215 -0.25 33.83 -3.62
CA HIS A 215 -0.25 33.67 -5.06
C HIS A 215 -1.49 32.89 -5.46
N ARG A 216 -2.16 33.31 -6.53
CA ARG A 216 -3.41 32.70 -6.98
C ARG A 216 -3.18 31.96 -8.30
N PHE A 217 -3.42 30.66 -8.29
CA PHE A 217 -3.25 29.90 -9.56
C PHE A 217 -4.62 29.65 -10.17
N SER A 218 -4.63 29.48 -11.48
CA SER A 218 -5.84 29.10 -12.22
C SER A 218 -5.98 27.58 -12.30
N THR A 230 -7.84 12.96 -6.98
CA THR A 230 -7.31 14.25 -7.38
C THR A 230 -6.50 14.90 -6.27
N GLY A 231 -7.17 15.21 -5.16
CA GLY A 231 -6.49 15.84 -4.04
C GLY A 231 -5.38 14.97 -3.48
N CYS A 232 -5.60 13.66 -3.41
CA CYS A 232 -4.55 12.74 -3.00
C CYS A 232 -3.38 12.78 -3.98
N THR A 233 -3.67 12.83 -5.28
CA THR A 233 -2.61 12.87 -6.28
C THR A 233 -1.80 14.15 -6.17
N LEU A 234 -2.49 15.29 -6.04
CA LEU A 234 -1.80 16.57 -5.96
C LEU A 234 -0.93 16.65 -4.70
N SER A 235 -1.48 16.22 -3.57
CA SER A 235 -0.73 16.23 -2.33
C SER A 235 0.52 15.36 -2.44
N ALA A 236 0.36 14.13 -2.93
CA ALA A 236 1.50 13.25 -3.10
C ALA A 236 2.51 13.83 -4.09
N ALA A 237 2.03 14.46 -5.15
CA ALA A 237 2.93 15.06 -6.12
C ALA A 237 3.74 16.20 -5.51
N ILE A 238 3.09 17.01 -4.67
CA ILE A 238 3.83 18.06 -3.95
C ILE A 238 4.93 17.44 -3.10
N ALA A 239 4.56 16.47 -2.25
CA ALA A 239 5.54 15.81 -1.41
C ALA A 239 6.65 15.15 -2.22
N ALA A 240 6.33 14.65 -3.40
CA ALA A 240 7.33 13.98 -4.23
C ALA A 240 8.38 14.97 -4.73
N HIS A 241 7.95 16.14 -5.19
CA HIS A 241 8.90 17.14 -5.66
C HIS A 241 9.70 17.73 -4.51
N LEU A 242 9.04 17.96 -3.36
CA LEU A 242 9.77 18.32 -2.15
C LEU A 242 10.79 17.24 -1.80
N ALA A 243 10.40 15.97 -1.92
CA ALA A 243 11.34 14.89 -1.66
C ALA A 243 12.53 14.93 -2.61
N ARG A 244 12.40 15.55 -3.78
CA ARG A 244 13.52 15.68 -4.68
C ARG A 244 14.30 16.97 -4.45
N GLY A 245 13.94 17.75 -3.45
CA GLY A 245 14.69 18.94 -3.09
C GLY A 245 14.26 20.20 -3.80
N HIS A 246 13.12 20.19 -4.49
CA HIS A 246 12.64 21.39 -5.15
C HIS A 246 12.01 22.33 -4.13
N ASP A 247 12.13 23.63 -4.39
CA ASP A 247 11.62 24.62 -3.45
C ASP A 247 10.09 24.66 -3.52
N LEU A 248 9.48 25.05 -2.42
CA LEU A 248 8.03 24.85 -2.23
C LEU A 248 7.17 25.42 -3.34
N PRO A 249 7.35 26.67 -3.80
CA PRO A 249 6.48 27.16 -4.89
C PRO A 249 6.61 26.37 -6.16
N GLU A 250 7.83 25.98 -6.53
CA GLU A 250 8.03 25.19 -7.75
C GLU A 250 7.40 23.81 -7.60
N ALA A 251 7.60 23.18 -6.45
CA ALA A 251 7.02 21.86 -6.20
C ALA A 251 5.51 21.87 -6.42
N VAL A 252 4.84 22.96 -6.04
CA VAL A 252 3.41 23.08 -6.29
C VAL A 252 3.13 23.21 -7.79
N ARG A 253 3.85 24.12 -8.45
CA ARG A 253 3.64 24.29 -9.90
C ARG A 253 3.97 23.02 -10.66
N GLU A 254 4.96 22.25 -10.22
CA GLU A 254 5.24 20.96 -10.83
C GLU A 254 4.12 19.97 -10.54
N ALA A 255 3.67 19.91 -9.29
CA ALA A 255 2.59 19.00 -8.92
C ALA A 255 1.33 19.26 -9.74
N LYS A 256 0.98 20.55 -9.90
CA LYS A 256 -0.22 20.88 -10.67
C LYS A 256 -0.06 20.49 -12.12
N ALA A 257 1.14 20.65 -12.68
CA ALA A 257 1.39 20.21 -14.04
C ALA A 257 1.26 18.69 -14.15
N TYR A 258 1.81 17.96 -13.18
CA TYR A 258 1.63 16.52 -13.14
C TYR A 258 0.15 16.14 -13.10
N LEU A 259 -0.61 16.77 -12.20
CA LEU A 259 -2.03 16.48 -12.10
C LEU A 259 -2.76 16.83 -13.38
N THR A 260 -2.42 17.97 -13.99
CA THR A 260 -3.05 18.37 -15.25
C THR A 260 -2.77 17.34 -16.35
N GLY A 261 -1.54 16.82 -16.40
CA GLY A 261 -1.22 15.82 -17.39
C GLY A 261 -1.95 14.50 -17.16
N ALA A 262 -2.04 14.07 -15.90
CA ALA A 262 -2.66 12.80 -15.60
C ALA A 262 -4.16 12.81 -15.88
N ILE A 263 -4.84 13.92 -15.54
CA ILE A 263 -6.28 14.00 -15.74
C ILE A 263 -6.63 14.03 -17.22
N LYS A 264 -6.13 15.04 -17.93
CA LYS A 264 -6.55 15.26 -19.31
C LYS A 264 -6.13 14.10 -20.21
N ALA A 265 -4.90 13.64 -20.08
CA ALA A 265 -4.42 12.49 -20.85
C ALA A 265 -3.82 11.44 -19.92
N MET B 23 -0.70 -1.75 -18.86
CA MET B 23 -1.76 -2.59 -19.41
C MET B 23 -1.97 -3.86 -18.56
N PRO B 24 -0.90 -4.60 -18.24
CA PRO B 24 -1.07 -5.74 -17.34
C PRO B 24 -1.45 -5.29 -15.94
N VAL B 25 -2.37 -6.04 -15.32
CA VAL B 25 -2.86 -5.75 -13.99
C VAL B 25 -2.60 -6.96 -13.11
N ALA B 26 -2.05 -6.73 -11.91
CA ALA B 26 -1.78 -7.80 -10.97
C ALA B 26 -2.18 -7.35 -9.57
N LEU B 27 -2.75 -8.29 -8.80
CA LEU B 27 -3.25 -8.02 -7.46
C LEU B 27 -2.42 -8.80 -6.44
N THR B 28 -1.97 -8.12 -5.40
CA THR B 28 -1.34 -8.76 -4.25
C THR B 28 -2.29 -8.68 -3.07
N ILE B 29 -2.51 -9.84 -2.43
CA ILE B 29 -3.35 -9.94 -1.26
C ILE B 29 -2.46 -10.48 -0.15
N ALA B 30 -1.93 -9.59 0.68
CA ALA B 30 -0.93 -9.96 1.67
C ALA B 30 -0.93 -8.93 2.78
N GLY B 31 0.06 -9.10 3.67
CA GLY B 31 0.35 -8.24 4.83
C GLY B 31 1.12 -7.00 4.40
N SER B 32 1.24 -6.04 5.31
CA SER B 32 1.89 -4.76 5.05
C SER B 32 3.04 -4.57 6.02
N ASP B 33 4.26 -4.52 5.50
CA ASP B 33 5.45 -4.23 6.29
C ASP B 33 6.02 -2.90 5.79
N SER B 34 5.89 -1.87 6.61
CA SER B 34 6.26 -0.53 6.17
C SER B 34 7.76 -0.38 5.97
N GLY B 35 8.56 -1.13 6.72
CA GLY B 35 10.01 -0.97 6.65
C GLY B 35 10.67 -1.76 5.54
N GLY B 36 9.93 -2.06 4.47
CA GLY B 36 10.45 -2.86 3.40
C GLY B 36 10.37 -4.34 3.72
N GLY B 37 10.76 -5.16 2.75
CA GLY B 37 10.61 -6.59 2.87
C GLY B 37 9.20 -7.02 2.53
N ALA B 38 8.94 -8.32 2.75
CA ALA B 38 7.69 -8.94 2.33
C ALA B 38 6.48 -8.13 2.74
N GLY B 39 5.52 -8.04 1.83
CA GLY B 39 4.33 -7.24 2.04
C GLY B 39 3.85 -6.70 0.71
N ILE B 40 2.72 -5.99 0.77
CA ILE B 40 2.19 -5.35 -0.43
C ILE B 40 3.17 -4.32 -0.97
N GLN B 41 3.95 -3.69 -0.08
CA GLN B 41 4.93 -2.69 -0.52
C GLN B 41 5.98 -3.32 -1.42
N ALA B 42 6.56 -4.44 -0.99
CA ALA B 42 7.55 -5.13 -1.81
C ALA B 42 6.91 -5.73 -3.06
N ASP B 43 5.67 -6.19 -2.97
CA ASP B 43 4.99 -6.72 -4.14
C ASP B 43 4.77 -5.64 -5.19
N LEU B 44 4.23 -4.49 -4.77
CA LEU B 44 3.86 -3.45 -5.72
C LEU B 44 5.08 -2.85 -6.41
N LYS B 45 6.23 -2.85 -5.75
CA LYS B 45 7.43 -2.30 -6.39
C LYS B 45 7.89 -3.20 -7.54
N THR B 46 7.83 -4.52 -7.34
CA THR B 46 8.21 -5.45 -8.41
C THR B 46 7.20 -5.41 -9.56
N PHE B 47 5.92 -5.18 -9.25
CA PHE B 47 4.92 -5.12 -10.32
C PHE B 47 5.22 -3.98 -11.29
N SER B 48 5.36 -2.77 -10.77
CA SER B 48 5.71 -1.65 -11.64
C SER B 48 7.14 -1.74 -12.15
N ALA B 49 8.01 -2.47 -11.46
CA ALA B 49 9.37 -2.65 -11.97
C ALA B 49 9.37 -3.56 -13.20
N LEU B 50 8.49 -4.56 -13.22
CA LEU B 50 8.37 -5.48 -14.35
C LEU B 50 7.33 -5.03 -15.36
N GLY B 51 6.79 -3.82 -15.20
CA GLY B 51 5.81 -3.29 -16.13
C GLY B 51 4.40 -3.79 -15.91
N VAL B 52 3.96 -3.88 -14.67
CA VAL B 52 2.62 -4.37 -14.34
C VAL B 52 1.97 -3.37 -13.39
N TYR B 53 0.70 -3.06 -13.66
CA TYR B 53 -0.06 -2.11 -12.83
C TYR B 53 -0.51 -2.82 -11.57
N GLY B 54 0.16 -2.53 -10.46
CA GLY B 54 -0.06 -3.29 -9.23
C GLY B 54 -1.32 -2.87 -8.48
N MET B 55 -1.99 -3.86 -7.90
CA MET B 55 -3.16 -3.67 -7.06
C MET B 55 -2.87 -4.29 -5.70
N SER B 56 -3.63 -3.90 -4.67
CA SER B 56 -3.29 -4.36 -3.33
C SER B 56 -4.54 -4.51 -2.46
N VAL B 57 -4.48 -5.52 -1.59
CA VAL B 57 -5.49 -5.81 -0.58
C VAL B 57 -4.75 -6.19 0.69
N ILE B 58 -5.04 -5.49 1.80
CA ILE B 58 -4.31 -5.66 3.04
C ILE B 58 -5.06 -6.63 3.94
N THR B 59 -4.38 -7.69 4.36
CA THR B 59 -4.89 -8.66 5.31
C THR B 59 -4.42 -8.40 6.74
N ALA B 60 -3.24 -7.83 6.90
CA ALA B 60 -2.68 -7.54 8.22
C ALA B 60 -1.68 -6.40 8.07
N VAL B 61 -1.35 -5.80 9.21
CA VAL B 61 -0.43 -4.66 9.26
C VAL B 61 0.70 -5.00 10.22
N THR B 62 1.93 -4.81 9.78
CA THR B 62 3.11 -5.30 10.48
C THR B 62 4.04 -4.13 10.81
N ALA B 63 4.78 -4.27 11.92
CA ALA B 63 5.82 -3.33 12.31
C ALA B 63 7.15 -4.07 12.34
N GLN B 64 8.07 -3.69 11.47
CA GLN B 64 9.39 -4.31 11.43
C GLN B 64 10.32 -3.70 12.46
N VAL B 69 9.73 -7.87 14.85
CA VAL B 69 8.29 -7.62 14.75
C VAL B 69 7.76 -7.07 16.07
N GLN B 70 7.44 -5.77 16.08
CA GLN B 70 6.92 -5.14 17.29
C GLN B 70 5.46 -5.52 17.55
N GLY B 71 4.65 -5.62 16.50
CA GLY B 71 3.26 -6.00 16.66
C GLY B 71 2.65 -6.33 15.33
N VAL B 72 1.55 -7.08 15.39
CA VAL B 72 0.81 -7.50 14.20
C VAL B 72 -0.68 -7.31 14.48
N HIS B 73 -1.39 -6.74 13.51
CA HIS B 73 -2.81 -6.46 13.64
C HIS B 73 -3.55 -7.06 12.45
N ASP B 74 -4.47 -7.97 12.72
CA ASP B 74 -5.23 -8.60 11.65
C ASP B 74 -6.42 -7.73 11.26
N ILE B 75 -6.69 -7.69 9.96
CA ILE B 75 -7.84 -6.97 9.41
C ILE B 75 -9.02 -7.93 9.48
N PRO B 76 -10.23 -7.47 9.84
CA PRO B 76 -11.37 -8.39 9.95
C PRO B 76 -11.63 -9.11 8.65
N PRO B 77 -12.01 -10.39 8.72
CA PRO B 77 -12.10 -11.19 7.48
C PRO B 77 -13.10 -10.68 6.47
N GLU B 78 -14.25 -10.16 6.93
CA GLU B 78 -15.25 -9.65 6.00
C GLU B 78 -14.73 -8.44 5.24
N LEU B 79 -13.93 -7.60 5.90
CA LEU B 79 -13.33 -6.46 5.21
C LEU B 79 -12.26 -6.92 4.24
N VAL B 80 -11.42 -7.88 4.67
CA VAL B 80 -10.40 -8.46 3.78
C VAL B 80 -11.05 -8.95 2.50
N ALA B 81 -12.21 -9.59 2.61
CA ALA B 81 -12.96 -9.98 1.43
C ALA B 81 -13.53 -8.77 0.71
N ALA B 82 -14.09 -7.83 1.47
CA ALA B 82 -14.65 -6.62 0.86
C ALA B 82 -13.59 -5.82 0.11
N GLN B 83 -12.34 -5.85 0.57
CA GLN B 83 -11.27 -5.18 -0.16
C GLN B 83 -11.10 -5.76 -1.55
N ILE B 84 -11.18 -7.09 -1.66
CA ILE B 84 -10.95 -7.76 -2.94
C ILE B 84 -12.03 -7.40 -3.95
N ASP B 85 -13.29 -7.37 -3.51
CA ASP B 85 -14.39 -7.09 -4.43
C ASP B 85 -14.22 -5.75 -5.12
N ALA B 86 -13.73 -4.76 -4.38
CA ALA B 86 -13.54 -3.41 -4.94
C ALA B 86 -12.53 -3.46 -6.08
N VAL B 87 -11.50 -4.32 -5.97
CA VAL B 87 -10.40 -4.45 -6.98
C VAL B 87 -10.94 -4.90 -8.34
N PHE B 88 -11.74 -5.98 -8.39
CA PHE B 88 -12.42 -6.32 -9.66
C PHE B 88 -13.53 -5.29 -9.83
N GLU B 89 -13.49 -4.56 -10.95
CA GLU B 89 -14.36 -3.41 -11.33
C GLU B 89 -15.73 -3.48 -10.66
N LEU B 91 -12.07 -3.24 -12.97
CA LEU B 91 -10.73 -3.56 -13.56
C LEU B 91 -10.64 -5.06 -13.80
N ARG B 92 -9.83 -5.48 -14.76
CA ARG B 92 -9.60 -6.89 -15.03
C ARG B 92 -8.20 -7.26 -14.55
N VAL B 93 -8.13 -8.23 -13.64
CA VAL B 93 -6.86 -8.65 -13.06
C VAL B 93 -6.29 -9.80 -13.89
N ASP B 94 -5.01 -9.69 -14.23
CA ASP B 94 -4.35 -10.70 -15.05
C ASP B 94 -3.55 -11.70 -14.23
N ALA B 95 -3.35 -11.46 -12.94
CA ALA B 95 -2.64 -12.37 -12.05
C ALA B 95 -2.85 -11.92 -10.62
N VAL B 96 -2.91 -12.89 -9.70
CA VAL B 96 -3.15 -12.63 -8.29
C VAL B 96 -2.00 -13.22 -7.49
N LYS B 97 -1.47 -12.44 -6.55
CA LYS B 97 -0.44 -12.89 -5.64
C LYS B 97 -1.02 -12.93 -4.23
N THR B 98 -0.66 -13.96 -3.48
CA THR B 98 -1.19 -14.19 -2.13
C THR B 98 -0.03 -14.38 -1.17
N GLY B 99 0.20 -13.39 -0.31
CA GLY B 99 1.25 -13.46 0.68
C GLY B 99 0.77 -13.96 2.02
N MET B 100 0.77 -13.10 3.03
CA MET B 100 0.46 -13.51 4.41
C MET B 100 -1.03 -13.35 4.66
N LEU B 101 -1.71 -14.47 4.83
CA LEU B 101 -3.09 -14.51 5.31
C LEU B 101 -3.01 -15.04 6.73
N SER B 102 -3.20 -14.15 7.72
CA SER B 102 -2.84 -14.50 9.09
C SER B 102 -3.88 -15.34 9.79
N ASN B 103 -5.16 -15.18 9.47
CA ASN B 103 -6.23 -15.89 10.15
C ASN B 103 -6.78 -16.99 9.25
N ALA B 104 -7.22 -18.09 9.88
CA ALA B 104 -7.95 -19.11 9.15
C ALA B 104 -9.19 -18.54 8.50
N GLU B 105 -9.82 -17.55 9.13
CA GLU B 105 -11.01 -16.93 8.55
C GLU B 105 -10.65 -15.99 7.40
N ILE B 106 -9.47 -15.37 7.45
CA ILE B 106 -9.00 -14.60 6.29
C ILE B 106 -8.80 -15.52 5.09
N VAL B 107 -8.12 -16.64 5.30
CA VAL B 107 -7.91 -17.60 4.22
C VAL B 107 -9.25 -18.05 3.64
N GLU B 108 -10.21 -18.34 4.53
CA GLU B 108 -11.58 -18.63 4.11
C GLU B 108 -12.12 -17.53 3.19
N ALA B 109 -12.14 -16.30 3.71
CA ALA B 109 -12.69 -15.18 2.95
C ALA B 109 -11.91 -14.93 1.67
N VAL B 110 -10.58 -15.00 1.74
CA VAL B 110 -9.76 -14.87 0.54
C VAL B 110 -10.18 -15.92 -0.49
N ALA B 111 -10.20 -17.19 -0.09
CA ALA B 111 -10.48 -18.28 -1.01
C ALA B 111 -11.79 -18.07 -1.76
N GLU B 112 -12.88 -17.84 -1.03
CA GLU B 112 -14.17 -17.61 -1.68
C GLU B 112 -14.13 -16.40 -2.59
N ALA B 113 -13.43 -15.34 -2.17
CA ALA B 113 -13.32 -14.15 -2.99
C ALA B 113 -12.69 -14.46 -4.35
N LEU B 114 -11.60 -15.23 -4.34
CA LEU B 114 -10.96 -15.60 -5.60
C LEU B 114 -11.85 -16.56 -6.40
N ARG B 115 -12.55 -17.47 -5.72
CA ARG B 115 -13.46 -18.38 -6.41
C ARG B 115 -14.63 -17.61 -7.01
N ARG B 116 -15.07 -16.56 -6.33
CA ARG B 116 -16.25 -15.80 -6.75
C ARG B 116 -16.07 -15.26 -8.16
N TYR B 117 -14.86 -14.84 -8.51
CA TYR B 117 -14.57 -14.28 -9.80
C TYR B 117 -13.98 -15.38 -10.69
N GLY B 118 -13.67 -14.99 -11.93
CA GLY B 118 -13.18 -15.90 -12.99
C GLY B 118 -11.79 -16.43 -12.72
N VAL B 119 -11.46 -17.56 -13.36
CA VAL B 119 -10.12 -18.21 -13.17
C VAL B 119 -9.04 -17.22 -13.62
N ARG B 120 -7.99 -17.11 -12.81
CA ARG B 120 -6.86 -16.19 -13.06
C ARG B 120 -5.59 -16.90 -12.59
N PRO B 121 -4.40 -16.60 -13.17
CA PRO B 121 -3.20 -17.25 -12.70
C PRO B 121 -3.11 -16.79 -11.24
N LEU B 122 -3.01 -17.75 -10.32
CA LEU B 122 -2.96 -17.40 -8.88
C LEU B 122 -1.65 -17.93 -8.33
N VAL B 123 -0.88 -17.05 -7.70
CA VAL B 123 0.39 -17.42 -7.10
C VAL B 123 0.24 -17.32 -5.59
N VAL B 124 0.36 -18.45 -4.90
CA VAL B 124 0.26 -18.51 -3.45
C VAL B 124 1.66 -18.64 -2.88
N ASP B 125 2.08 -17.60 -2.16
CA ASP B 125 3.36 -17.70 -1.42
C ASP B 125 2.95 -18.07 0.01
N PRO B 126 3.25 -19.29 0.51
CA PRO B 126 2.84 -19.65 1.85
C PRO B 126 3.87 -19.09 2.83
N VAL B 127 3.50 -18.01 3.52
CA VAL B 127 4.38 -17.33 4.49
C VAL B 127 3.97 -17.75 5.89
N MET B 128 4.86 -18.43 6.61
CA MET B 128 4.56 -18.86 7.97
C MET B 128 4.90 -17.79 9.00
N VAL B 129 5.99 -17.07 8.79
CA VAL B 129 6.40 -15.99 9.68
C VAL B 129 7.35 -15.05 8.95
N LEU B 137 1.38 -18.91 11.74
CA LEU B 137 1.83 -20.30 11.81
C LEU B 137 0.87 -21.16 12.64
N ALA B 138 -0.24 -20.55 13.04
CA ALA B 138 -1.27 -21.30 13.73
C ALA B 138 -1.73 -22.47 12.84
N PRO B 139 -1.75 -23.69 13.37
CA PRO B 139 -2.14 -24.83 12.51
C PRO B 139 -3.56 -24.73 12.01
N ASP B 140 -4.45 -24.20 12.84
CA ASP B 140 -5.81 -23.87 12.43
C ASP B 140 -5.80 -23.13 11.09
N ALA B 141 -4.84 -22.22 10.91
CA ALA B 141 -4.78 -21.41 9.70
C ALA B 141 -4.12 -22.14 8.54
N VAL B 142 -3.04 -22.88 8.79
CA VAL B 142 -2.34 -23.54 7.69
C VAL B 142 -3.20 -24.60 7.05
N GLU B 143 -4.00 -25.32 7.86
CA GLU B 143 -4.86 -26.35 7.30
C GLU B 143 -5.88 -25.77 6.34
N ALA B 144 -6.13 -24.46 6.42
CA ALA B 144 -7.00 -23.78 5.47
C ALA B 144 -6.27 -23.32 4.21
N LEU B 145 -4.97 -23.04 4.30
CA LEU B 145 -4.19 -22.82 3.09
C LEU B 145 -4.26 -24.02 2.17
N LYS B 146 -3.91 -25.20 2.71
CA LYS B 146 -3.90 -26.42 1.90
C LYS B 146 -5.30 -26.79 1.45
N GLU B 147 -6.28 -26.63 2.33
CA GLU B 147 -7.63 -27.15 2.10
C GLU B 147 -8.47 -26.18 1.28
N ARG B 148 -8.36 -24.89 1.55
CA ARG B 148 -9.20 -23.88 0.91
C ARG B 148 -8.53 -23.17 -0.24
N LEU B 149 -7.19 -23.07 -0.25
CA LEU B 149 -6.52 -22.13 -1.14
C LEU B 149 -5.56 -22.79 -2.13
N PHE B 150 -4.84 -23.84 -1.72
CA PHE B 150 -3.93 -24.49 -2.65
C PHE B 150 -4.59 -25.05 -3.91
N PRO B 151 -5.77 -25.69 -3.85
CA PRO B 151 -6.40 -26.13 -5.11
C PRO B 151 -6.65 -25.00 -6.08
N LEU B 152 -6.80 -23.77 -5.58
CA LEU B 152 -7.02 -22.61 -6.43
C LEU B 152 -5.74 -22.16 -7.12
N ALA B 153 -4.59 -22.47 -6.53
CA ALA B 153 -3.33 -21.93 -7.02
C ALA B 153 -2.93 -22.53 -8.35
N THR B 154 -2.42 -21.68 -9.25
CA THR B 154 -1.74 -22.15 -10.44
C THR B 154 -0.27 -22.43 -10.19
N ILE B 155 0.25 -21.93 -9.07
CA ILE B 155 1.65 -22.16 -8.65
C ILE B 155 1.83 -21.69 -7.21
N ILE B 156 2.40 -22.53 -6.36
CA ILE B 156 2.75 -22.11 -5.01
C ILE B 156 4.27 -22.09 -4.92
N THR B 157 4.79 -21.09 -4.24
CA THR B 157 6.23 -20.97 -4.05
C THR B 157 6.58 -21.11 -2.56
N PRO B 158 6.72 -22.37 -2.01
CA PRO B 158 7.22 -22.57 -0.63
C PRO B 158 8.72 -22.61 -0.58
N ASN B 159 9.25 -22.87 0.60
CA ASN B 159 10.67 -23.18 0.76
C ASN B 159 10.88 -24.19 1.88
N LEU B 160 12.16 -24.40 2.24
CA LEU B 160 12.57 -25.58 3.01
C LEU B 160 11.84 -25.73 4.35
N PRO B 161 12.01 -24.78 5.30
CA PRO B 161 11.31 -24.82 6.59
C PRO B 161 9.78 -24.68 6.42
N GLU B 162 9.37 -23.79 5.51
CA GLU B 162 7.93 -23.53 5.25
C GLU B 162 7.22 -24.79 4.74
N ALA B 163 7.88 -25.54 3.84
CA ALA B 163 7.28 -26.78 3.30
C ALA B 163 7.05 -27.76 4.44
N GLU B 164 8.03 -27.85 5.35
CA GLU B 164 7.95 -28.73 6.52
C GLU B 164 6.73 -28.43 7.37
N VAL B 165 6.30 -27.18 7.41
CA VAL B 165 5.05 -26.85 8.09
C VAL B 165 3.87 -27.45 7.36
N LEU B 166 3.89 -27.41 6.02
CA LEU B 166 2.77 -27.88 5.23
C LEU B 166 2.65 -29.41 5.25
N LEU B 167 3.76 -30.11 5.46
CA LEU B 167 3.79 -31.58 5.38
C LEU B 167 4.10 -32.25 6.70
N GLY B 168 4.42 -31.49 7.75
CA GLY B 168 4.71 -32.08 9.05
C GLY B 168 5.97 -32.90 9.13
N ARG B 169 6.65 -33.15 8.01
CA ARG B 169 7.87 -33.93 7.85
C ARG B 169 9.08 -33.01 7.65
N PRO B 170 10.19 -33.29 8.31
CA PRO B 170 11.41 -32.53 8.06
C PRO B 170 12.06 -32.95 6.74
N ILE B 171 12.51 -31.96 5.98
CA ILE B 171 13.14 -32.18 4.68
C ILE B 171 14.65 -32.15 4.89
N ARG B 172 15.28 -33.31 4.82
CA ARG B 172 16.72 -33.42 5.06
C ARG B 172 17.50 -33.89 3.83
N THR B 173 16.83 -34.23 2.74
CA THR B 173 17.50 -34.75 1.54
C THR B 173 16.82 -34.17 0.32
N GLU B 174 17.55 -34.14 -0.80
CA GLU B 174 16.91 -33.73 -2.05
C GLU B 174 15.92 -34.78 -2.54
N GLU B 175 16.18 -36.06 -2.28
CA GLU B 175 15.18 -37.08 -2.52
C GLU B 175 13.94 -36.84 -1.69
N GLU B 176 14.12 -36.43 -0.43
CA GLU B 176 13.00 -35.94 0.37
C GLU B 176 12.49 -34.61 -0.19
N MET B 177 13.39 -33.73 -0.62
CA MET B 177 12.98 -32.48 -1.24
C MET B 177 12.19 -32.74 -2.52
N GLU B 178 12.64 -33.72 -3.31
CA GLU B 178 11.89 -34.11 -4.51
C GLU B 178 10.55 -34.73 -4.14
N GLU B 179 10.53 -35.58 -3.10
CA GLU B 179 9.28 -36.15 -2.63
C GLU B 179 8.34 -35.06 -2.12
N ALA B 180 8.89 -34.06 -1.42
CA ALA B 180 8.05 -32.99 -0.89
C ALA B 180 7.40 -32.20 -2.01
N ALA B 181 8.15 -31.93 -3.08
CA ALA B 181 7.57 -31.27 -4.24
C ALA B 181 6.40 -32.07 -4.81
N ARG B 182 6.55 -33.39 -4.91
CA ARG B 182 5.46 -34.24 -5.35
C ARG B 182 4.27 -34.16 -4.40
N ARG B 183 4.49 -34.47 -3.13
CA ARG B 183 3.39 -34.55 -2.18
C ARG B 183 2.68 -33.20 -2.02
N LEU B 184 3.43 -32.09 -2.16
CA LEU B 184 2.82 -30.77 -2.19
C LEU B 184 1.94 -30.58 -3.43
N LEU B 185 2.48 -30.91 -4.60
CA LEU B 185 1.75 -30.73 -5.84
C LEU B 185 0.41 -31.46 -5.78
N ALA B 186 0.37 -32.56 -5.04
CA ALA B 186 -0.84 -33.33 -4.84
C ALA B 186 -1.96 -32.54 -4.19
N LEU B 187 -1.60 -31.46 -3.49
CA LEU B 187 -2.60 -30.65 -2.74
C LEU B 187 -3.51 -29.85 -3.68
N GLY B 188 -3.12 -29.65 -4.93
CA GLY B 188 -4.01 -28.91 -5.86
C GLY B 188 -3.27 -27.96 -6.78
N PRO B 189 -2.22 -27.25 -6.33
CA PRO B 189 -1.52 -26.29 -7.17
C PRO B 189 -0.96 -26.93 -8.45
N LYS B 190 -1.31 -26.38 -9.61
CA LYS B 190 -0.84 -26.89 -10.89
C LYS B 190 0.67 -27.03 -10.90
N ALA B 191 1.39 -26.28 -10.06
CA ALA B 191 2.83 -26.42 -9.94
C ALA B 191 3.28 -26.00 -8.55
N VAL B 192 4.53 -26.34 -8.23
CA VAL B 192 5.16 -26.06 -6.96
C VAL B 192 6.64 -25.75 -7.15
N LEU B 193 7.06 -24.53 -6.77
CA LEU B 193 8.48 -24.14 -6.74
C LEU B 193 8.95 -24.33 -5.30
N LEU B 194 9.58 -25.45 -5.02
CA LEU B 194 10.15 -25.66 -3.71
C LEU B 194 11.54 -25.02 -3.68
N LYS B 195 11.76 -24.12 -2.74
CA LYS B 195 12.99 -23.33 -2.66
C LYS B 195 13.86 -23.91 -1.54
N GLY B 196 14.98 -24.52 -1.91
CA GLY B 196 15.83 -25.16 -0.92
C GLY B 196 17.11 -24.41 -0.64
N GLY B 197 17.30 -23.98 0.62
CA GLY B 197 18.49 -23.27 1.01
C GLY B 197 19.69 -24.17 1.19
N HIS B 198 19.50 -25.31 1.84
CA HIS B 198 20.57 -26.27 2.05
C HIS B 198 20.00 -27.66 2.36
N GLU B 202 23.70 -31.12 2.03
CA GLU B 202 24.61 -29.99 1.88
C GLU B 202 24.04 -28.95 0.92
N GLU B 203 24.63 -28.83 -0.26
CA GLU B 203 24.17 -27.87 -1.25
C GLU B 203 22.80 -28.27 -1.77
N ALA B 204 21.98 -27.26 -2.08
CA ALA B 204 20.61 -27.49 -2.52
C ALA B 204 20.29 -26.59 -3.70
N VAL B 205 19.27 -26.99 -4.47
CA VAL B 205 18.82 -26.30 -5.67
C VAL B 205 17.31 -26.11 -5.56
N ASP B 206 16.81 -25.08 -6.22
CA ASP B 206 15.37 -24.88 -6.26
C ASP B 206 14.74 -25.86 -7.25
N LEU B 207 13.60 -26.42 -6.88
CA LEU B 207 12.95 -27.49 -7.63
C LEU B 207 11.57 -27.03 -8.08
N LEU B 208 11.27 -27.18 -9.36
CA LEU B 208 9.96 -26.87 -9.90
C LEU B 208 9.21 -28.16 -10.17
N ALA B 209 8.17 -28.41 -9.38
CA ALA B 209 7.32 -29.58 -9.53
C ALA B 209 6.18 -29.25 -10.50
N ASP B 210 6.20 -29.86 -11.67
CA ASP B 210 5.21 -29.62 -12.71
C ASP B 210 4.63 -30.96 -13.16
N GLY B 211 3.50 -30.89 -13.87
CA GLY B 211 2.91 -32.11 -14.40
C GLY B 211 3.82 -32.83 -15.37
N GLU B 212 4.60 -32.07 -16.15
CA GLU B 212 5.57 -32.68 -17.05
C GLU B 212 6.71 -33.34 -16.28
N GLY B 213 7.11 -32.77 -15.16
CA GLY B 213 8.16 -33.37 -14.36
C GLY B 213 8.63 -32.40 -13.29
N ILE B 214 9.69 -32.82 -12.59
CA ILE B 214 10.34 -32.01 -11.56
C ILE B 214 11.62 -31.45 -12.16
N HIS B 215 11.76 -30.13 -12.10
CA HIS B 215 12.82 -29.47 -12.84
C HIS B 215 13.82 -28.80 -11.91
N GLY B 231 15.59 -14.27 2.00
CA GLY B 231 14.79 -13.25 1.30
C GLY B 231 14.35 -13.70 -0.08
N CYS B 232 13.04 -13.76 -0.32
CA CYS B 232 12.50 -14.20 -1.63
C CYS B 232 11.16 -13.49 -1.90
N THR B 233 11.10 -12.70 -2.97
CA THR B 233 9.87 -11.95 -3.33
C THR B 233 9.49 -12.44 -4.72
N LEU B 234 10.07 -13.58 -5.06
CA LEU B 234 9.88 -14.25 -6.34
C LEU B 234 8.40 -14.30 -6.70
N SER B 235 7.55 -14.56 -5.71
CA SER B 235 6.12 -14.68 -5.92
C SER B 235 5.56 -13.45 -6.64
N ALA B 236 5.97 -12.27 -6.20
CA ALA B 236 5.54 -11.04 -6.86
C ALA B 236 6.06 -10.97 -8.29
N ALA B 237 7.28 -11.44 -8.53
CA ALA B 237 7.84 -11.40 -9.87
C ALA B 237 7.22 -12.48 -10.76
N ILE B 238 6.93 -13.65 -10.20
CA ILE B 238 6.32 -14.72 -10.99
C ILE B 238 4.92 -14.31 -11.43
N ALA B 239 4.13 -13.75 -10.52
CA ALA B 239 2.79 -13.29 -10.88
C ALA B 239 2.85 -12.16 -11.88
N ALA B 240 3.91 -11.36 -11.87
CA ALA B 240 4.03 -10.26 -12.82
C ALA B 240 4.14 -10.79 -14.24
N HIS B 241 5.03 -11.77 -14.46
CA HIS B 241 5.14 -12.37 -15.79
C HIS B 241 3.85 -13.05 -16.21
N LEU B 242 3.15 -13.67 -15.27
CA LEU B 242 1.89 -14.34 -15.60
C LEU B 242 0.86 -13.33 -16.09
N ALA B 243 0.84 -12.13 -15.52
CA ALA B 243 -0.03 -11.07 -16.02
C ALA B 243 0.32 -10.71 -17.45
N ARG B 244 1.59 -10.85 -17.82
CA ARG B 244 2.09 -10.55 -19.15
C ARG B 244 1.84 -11.68 -20.15
N GLY B 245 1.09 -12.72 -19.76
CA GLY B 245 0.76 -13.79 -20.65
C GLY B 245 1.82 -14.86 -20.82
N HIS B 246 2.92 -14.78 -20.08
CA HIS B 246 3.96 -15.80 -20.19
C HIS B 246 3.48 -17.12 -19.59
N ASP B 247 3.97 -18.22 -20.17
CA ASP B 247 3.63 -19.51 -19.60
C ASP B 247 4.43 -19.77 -18.33
N LEU B 248 3.99 -20.78 -17.60
CA LEU B 248 4.50 -21.02 -16.25
C LEU B 248 6.01 -21.22 -16.20
N PRO B 249 6.64 -22.05 -17.05
CA PRO B 249 8.10 -22.21 -16.92
C PRO B 249 8.90 -20.97 -17.29
N GLU B 250 8.49 -20.24 -18.33
CA GLU B 250 9.20 -19.01 -18.67
C GLU B 250 8.94 -17.91 -17.66
N ALA B 251 7.77 -17.90 -17.02
CA ALA B 251 7.54 -16.95 -15.94
C ALA B 251 8.46 -17.22 -14.77
N VAL B 252 8.65 -18.49 -14.41
CA VAL B 252 9.54 -18.84 -13.31
C VAL B 252 10.99 -18.52 -13.67
N ARG B 253 11.40 -18.86 -14.89
CA ARG B 253 12.79 -18.66 -15.28
C ARG B 253 13.11 -17.17 -15.40
N GLU B 254 12.22 -16.40 -16.02
CA GLU B 254 12.44 -14.96 -16.14
C GLU B 254 12.42 -14.28 -14.79
N ALA B 255 11.60 -14.79 -13.86
CA ALA B 255 11.55 -14.21 -12.52
C ALA B 255 12.86 -14.44 -11.78
N LYS B 256 13.33 -15.69 -11.74
CA LYS B 256 14.57 -15.99 -11.04
C LYS B 256 15.74 -15.24 -11.64
N ALA B 257 15.82 -15.21 -12.98
CA ALA B 257 16.89 -14.45 -13.63
C ALA B 257 16.77 -12.95 -13.32
N TYR B 258 15.55 -12.47 -13.09
CA TYR B 258 15.36 -11.06 -12.75
C TYR B 258 15.99 -10.71 -11.41
N LEU B 259 15.88 -11.62 -10.44
CA LEU B 259 16.41 -11.33 -9.10
C LEU B 259 17.93 -11.40 -9.08
N THR B 260 18.51 -12.35 -9.81
CA THR B 260 19.96 -12.59 -9.71
C THR B 260 20.78 -11.39 -10.15
N GLY B 261 20.19 -10.42 -10.85
CA GLY B 261 20.94 -9.25 -11.27
C GLY B 261 21.36 -8.37 -10.10
N ALA B 262 20.59 -8.39 -9.01
CA ALA B 262 20.91 -7.58 -7.84
C ALA B 262 22.04 -8.22 -7.03
#